data_1JA9
#
_entry.id   1JA9
#
_cell.length_a   94.800
_cell.length_b   94.800
_cell.length_c   71.200
_cell.angle_alpha   90.00
_cell.angle_beta   90.00
_cell.angle_gamma   90.00
#
_symmetry.space_group_name_H-M   'P 42 21 2'
#
loop_
_entity.id
_entity.type
_entity.pdbx_description
1 polymer '1,3,6,8-tetrahydroxynaphthalene reductase'
2 non-polymer 'NADPH DIHYDRO-NICOTINAMIDE-ADENINE-DINUCLEOTIDE PHOSPHATE'
3 non-polymer PYROQUILON
4 water water
#
_entity_poly.entity_id   1
_entity_poly.type   'polypeptide(L)'
_entity_poly.pdbx_seq_one_letter_code
;MAPSADITSSGPSDASKPLAGKVALTTGAGRGIGRGIAIELGRRGASVVVNYGSSSKAAEEVVAELKKLGAQGVAIQADI
SKPSEVVALFDKAVSHFGGLDFVMSNSGMEVWCDELEVTQELFDKVFNLNTRGQFFVAQQGLKHCRRGGRIILTSSIAAV
MTGIPNHALYAGSKAAVEGFCRAFAVDCGAKGVTVNCIAPGGVKTDMFDENSWHYAPGGYKGMPQEKIDEGLANMNPLKR
IGYPADIGRAVSALCQEESEWINGQVIKLTGGGI
;
_entity_poly.pdbx_strand_id   A
#
# COMPACT_ATOMS: atom_id res chain seq x y z
N SER A 16 14.19 19.44 -6.39
CA SER A 16 13.29 18.73 -5.47
C SER A 16 12.71 17.48 -6.14
N LYS A 17 13.53 16.86 -6.98
CA LYS A 17 13.15 15.70 -7.77
C LYS A 17 14.13 14.54 -7.64
N PRO A 18 14.26 13.98 -6.43
CA PRO A 18 15.17 12.85 -6.22
C PRO A 18 14.86 11.60 -7.03
N LEU A 19 13.61 11.43 -7.42
CA LEU A 19 13.18 10.25 -8.18
C LEU A 19 13.05 10.50 -9.70
N ALA A 20 13.64 11.61 -10.16
CA ALA A 20 13.59 11.95 -11.57
C ALA A 20 14.09 10.81 -12.44
N GLY A 21 13.35 10.53 -13.50
CA GLY A 21 13.72 9.48 -14.44
C GLY A 21 13.32 8.06 -14.04
N LYS A 22 12.73 7.92 -12.86
CA LYS A 22 12.31 6.60 -12.40
C LYS A 22 10.84 6.34 -12.72
N VAL A 23 10.47 5.07 -12.79
CA VAL A 23 9.10 4.69 -13.07
C VAL A 23 8.56 3.85 -11.89
N ALA A 24 7.40 4.26 -11.39
CA ALA A 24 6.72 3.59 -10.27
C ALA A 24 5.37 3.04 -10.69
N LEU A 25 4.98 1.92 -10.08
CA LEU A 25 3.69 1.29 -10.30
C LEU A 25 3.08 1.18 -8.89
N THR A 26 1.86 1.67 -8.70
CA THR A 26 1.18 1.60 -7.41
C THR A 26 -0.17 0.91 -7.61
N THR A 27 -0.39 -0.19 -6.89
CA THR A 27 -1.68 -0.88 -7.02
C THR A 27 -2.70 -0.15 -6.16
N GLY A 28 -3.93 -0.01 -6.69
CA GLY A 28 -4.99 0.68 -5.96
C GLY A 28 -4.65 2.14 -5.64
N ALA A 29 -4.17 2.84 -6.68
CA ALA A 29 -3.72 4.22 -6.56
C ALA A 29 -4.78 5.28 -6.90
N GLY A 30 -6.01 4.83 -7.20
CA GLY A 30 -7.07 5.77 -7.52
C GLY A 30 -7.58 6.58 -6.34
N ARG A 31 -7.38 6.06 -5.13
CA ARG A 31 -7.85 6.74 -3.93
C ARG A 31 -7.08 6.26 -2.70
N GLY A 32 -7.37 6.88 -1.57
CA GLY A 32 -6.75 6.48 -0.31
C GLY A 32 -5.25 6.64 -0.28
N ILE A 33 -4.61 5.71 0.44
CA ILE A 33 -3.15 5.67 0.61
C ILE A 33 -2.43 5.52 -0.73
N GLY A 34 -2.99 4.67 -1.59
CA GLY A 34 -2.42 4.44 -2.91
C GLY A 34 -2.27 5.74 -3.69
N ARG A 35 -3.34 6.54 -3.65
CA ARG A 35 -3.31 7.84 -4.31
C ARG A 35 -2.26 8.76 -3.68
N GLY A 36 -2.18 8.78 -2.35
CA GLY A 36 -1.21 9.63 -1.67
C GLY A 36 0.21 9.24 -2.04
N ILE A 37 0.44 7.93 -2.21
CA ILE A 37 1.78 7.44 -2.57
C ILE A 37 2.13 7.83 -4.01
N ALA A 38 1.16 7.64 -4.91
CA ALA A 38 1.34 8.00 -6.32
C ALA A 38 1.67 9.49 -6.43
N ILE A 39 0.93 10.32 -5.70
CA ILE A 39 1.15 11.74 -5.78
C ILE A 39 2.51 12.16 -5.22
N GLU A 40 2.91 11.60 -4.07
CA GLU A 40 4.17 12.01 -3.51
C GLU A 40 5.36 11.52 -4.34
N LEU A 41 5.23 10.36 -4.99
CA LEU A 41 6.31 9.85 -5.85
C LEU A 41 6.40 10.73 -7.09
N GLY A 42 5.25 11.08 -7.66
CA GLY A 42 5.23 11.93 -8.85
C GLY A 42 5.73 13.33 -8.52
N ARG A 43 5.37 13.85 -7.35
CA ARG A 43 5.83 15.17 -6.94
C ARG A 43 7.39 15.21 -6.95
N ARG A 44 8.00 14.05 -6.71
CA ARG A 44 9.46 13.95 -6.67
C ARG A 44 10.12 13.47 -7.95
N GLY A 45 9.38 13.47 -9.06
CA GLY A 45 10.00 13.08 -10.31
C GLY A 45 9.62 11.77 -10.99
N ALA A 46 9.03 10.84 -10.24
CA ALA A 46 8.66 9.56 -10.86
C ALA A 46 7.45 9.62 -11.78
N SER A 47 7.50 8.81 -12.85
CA SER A 47 6.37 8.65 -13.74
C SER A 47 5.60 7.56 -12.99
N VAL A 48 4.27 7.62 -12.96
CA VAL A 48 3.53 6.64 -12.18
C VAL A 48 2.43 5.89 -12.90
N VAL A 49 2.42 4.57 -12.72
CA VAL A 49 1.37 3.75 -13.29
C VAL A 49 0.35 3.68 -12.15
N VAL A 50 -0.81 4.28 -12.38
CA VAL A 50 -1.89 4.32 -11.40
C VAL A 50 -2.84 3.14 -11.66
N ASN A 51 -2.64 2.05 -10.93
CA ASN A 51 -3.53 0.91 -11.12
C ASN A 51 -4.82 1.14 -10.31
N TYR A 52 -5.91 0.60 -10.82
CA TYR A 52 -7.17 0.69 -10.12
C TYR A 52 -7.94 -0.58 -10.44
N GLY A 53 -8.79 -0.97 -9.50
CA GLY A 53 -9.57 -2.18 -9.69
C GLY A 53 -10.87 -1.79 -10.39
N SER A 54 -11.59 -0.85 -9.82
CA SER A 54 -12.83 -0.44 -10.42
C SER A 54 -13.06 1.07 -10.38
N SER A 55 -12.23 1.80 -9.66
CA SER A 55 -12.39 3.25 -9.59
C SER A 55 -11.70 3.94 -10.75
N SER A 56 -12.24 3.75 -11.96
CA SER A 56 -11.63 4.36 -13.13
C SER A 56 -11.61 5.89 -13.07
N LYS A 57 -12.71 6.50 -12.64
CA LYS A 57 -12.77 7.94 -12.59
C LYS A 57 -11.79 8.55 -11.57
N ALA A 58 -11.62 7.89 -10.42
CA ALA A 58 -10.70 8.41 -9.42
C ALA A 58 -9.29 8.32 -9.95
N ALA A 59 -9.00 7.21 -10.62
CA ALA A 59 -7.67 6.97 -11.17
C ALA A 59 -7.28 8.05 -12.19
N GLU A 60 -8.19 8.40 -13.11
CA GLU A 60 -7.88 9.44 -14.11
C GLU A 60 -7.69 10.79 -13.44
N GLU A 61 -8.40 10.99 -12.33
CA GLU A 61 -8.30 12.18 -11.52
C GLU A 61 -6.88 12.29 -10.94
N VAL A 62 -6.34 11.14 -10.53
CA VAL A 62 -4.98 11.08 -9.98
C VAL A 62 -3.96 11.38 -11.09
N VAL A 63 -4.21 10.84 -12.28
CA VAL A 63 -3.33 11.05 -13.43
C VAL A 63 -3.32 12.56 -13.74
N ALA A 64 -4.50 13.17 -13.58
CA ALA A 64 -4.67 14.59 -13.81
C ALA A 64 -3.92 15.38 -12.75
N GLU A 65 -4.02 14.96 -11.48
CA GLU A 65 -3.31 15.63 -10.38
C GLU A 65 -1.81 15.51 -10.63
N LEU A 66 -1.36 14.37 -11.11
CA LEU A 66 0.06 14.18 -11.38
C LEU A 66 0.51 15.19 -12.45
N LYS A 67 -0.26 15.31 -13.52
CA LYS A 67 0.06 16.23 -14.61
C LYS A 67 0.22 17.66 -14.09
N LYS A 68 -0.67 18.07 -13.20
CA LYS A 68 -0.63 19.40 -12.65
C LYS A 68 0.66 19.60 -11.83
N LEU A 69 1.23 18.50 -11.34
CA LEU A 69 2.51 18.53 -10.59
C LEU A 69 3.69 18.34 -11.51
N GLY A 70 3.42 18.23 -12.81
CA GLY A 70 4.47 18.05 -13.79
C GLY A 70 4.96 16.62 -13.93
N ALA A 71 4.21 15.67 -13.36
CA ALA A 71 4.59 14.27 -13.42
C ALA A 71 3.76 13.53 -14.47
N GLN A 72 4.34 12.49 -15.04
CA GLN A 72 3.65 11.68 -16.03
C GLN A 72 2.93 10.52 -15.32
N GLY A 73 1.78 10.13 -15.81
CA GLY A 73 1.06 9.02 -15.20
C GLY A 73 0.13 8.36 -16.19
N VAL A 74 -0.33 7.16 -15.87
CA VAL A 74 -1.26 6.45 -16.73
C VAL A 74 -2.10 5.53 -15.86
N ALA A 75 -3.40 5.53 -16.09
CA ALA A 75 -4.33 4.70 -15.32
C ALA A 75 -4.49 3.36 -16.03
N ILE A 76 -4.27 2.27 -15.30
CA ILE A 76 -4.39 0.95 -15.93
C ILE A 76 -5.21 0.04 -14.99
N GLN A 77 -6.36 -0.44 -15.49
CA GLN A 77 -7.22 -1.32 -14.72
C GLN A 77 -6.66 -2.72 -14.62
N ALA A 78 -6.80 -3.31 -13.43
CA ALA A 78 -6.37 -4.68 -13.23
C ALA A 78 -6.92 -5.11 -11.90
N ASP A 79 -7.56 -6.29 -11.89
CA ASP A 79 -8.11 -6.85 -10.66
C ASP A 79 -6.95 -7.58 -9.97
N ILE A 80 -6.43 -6.97 -8.90
CA ILE A 80 -5.27 -7.51 -8.20
C ILE A 80 -5.50 -8.88 -7.52
N SER A 81 -6.76 -9.24 -7.28
CA SER A 81 -7.07 -10.53 -6.69
C SER A 81 -6.96 -11.68 -7.72
N LYS A 82 -6.65 -11.35 -8.98
CA LYS A 82 -6.51 -12.35 -10.06
C LYS A 82 -5.10 -12.27 -10.59
N PRO A 83 -4.27 -13.30 -10.30
CA PRO A 83 -2.88 -13.32 -10.76
C PRO A 83 -2.62 -13.03 -12.23
N SER A 84 -3.47 -13.55 -13.12
CA SER A 84 -3.25 -13.33 -14.55
C SER A 84 -3.39 -11.84 -14.91
N GLU A 85 -4.25 -11.14 -14.18
CA GLU A 85 -4.45 -9.70 -14.39
C GLU A 85 -3.29 -8.89 -13.82
N VAL A 86 -2.61 -9.42 -12.80
CA VAL A 86 -1.46 -8.73 -12.23
C VAL A 86 -0.34 -8.82 -13.27
N VAL A 87 -0.22 -9.98 -13.90
CA VAL A 87 0.79 -10.15 -14.92
C VAL A 87 0.50 -9.21 -16.11
N ALA A 88 -0.77 -9.09 -16.49
CA ALA A 88 -1.19 -8.21 -17.59
C ALA A 88 -0.90 -6.76 -17.26
N LEU A 89 -1.22 -6.38 -16.03
CA LEU A 89 -0.96 -5.01 -15.55
C LEU A 89 0.53 -4.64 -15.75
N PHE A 90 1.44 -5.52 -15.35
CA PHE A 90 2.86 -5.26 -15.51
C PHE A 90 3.30 -5.19 -16.96
N ASP A 91 2.77 -6.09 -17.79
CA ASP A 91 3.10 -6.09 -19.21
C ASP A 91 2.73 -4.74 -19.83
N LYS A 92 1.54 -4.24 -19.49
CA LYS A 92 1.06 -2.96 -19.99
C LYS A 92 1.88 -1.80 -19.44
N ALA A 93 2.20 -1.84 -18.14
CA ALA A 93 2.97 -0.78 -17.55
C ALA A 93 4.33 -0.67 -18.26
N VAL A 94 4.99 -1.82 -18.48
CA VAL A 94 6.29 -1.86 -19.16
C VAL A 94 6.15 -1.42 -20.63
N SER A 95 5.05 -1.79 -21.25
CA SER A 95 4.80 -1.35 -22.62
C SER A 95 4.64 0.18 -22.69
N HIS A 96 4.03 0.77 -21.66
CA HIS A 96 3.78 2.20 -21.65
C HIS A 96 4.96 3.08 -21.29
N PHE A 97 5.71 2.68 -20.27
CA PHE A 97 6.84 3.47 -19.80
C PHE A 97 8.21 2.88 -20.06
N GLY A 98 8.25 1.70 -20.67
CA GLY A 98 9.50 1.07 -21.03
C GLY A 98 10.31 0.33 -20.00
N GLY A 99 9.84 0.29 -18.77
CA GLY A 99 10.58 -0.39 -17.71
C GLY A 99 9.99 0.06 -16.39
N LEU A 100 10.46 -0.52 -15.28
CA LEU A 100 9.95 -0.17 -13.96
C LEU A 100 11.08 -0.15 -12.96
N ASP A 101 10.94 0.73 -11.99
CA ASP A 101 11.91 0.82 -10.91
C ASP A 101 11.27 0.54 -9.56
N PHE A 102 10.14 1.17 -9.28
CA PHE A 102 9.49 1.03 -7.96
C PHE A 102 8.13 0.38 -8.05
N VAL A 103 7.87 -0.57 -7.17
CA VAL A 103 6.58 -1.26 -7.17
C VAL A 103 6.01 -1.13 -5.78
N MET A 104 4.85 -0.48 -5.69
CA MET A 104 4.16 -0.29 -4.43
C MET A 104 2.91 -1.18 -4.42
N SER A 105 2.95 -2.25 -3.62
CA SER A 105 1.83 -3.16 -3.48
C SER A 105 0.95 -2.61 -2.34
N ASN A 106 -0.13 -1.93 -2.73
CA ASN A 106 -1.03 -1.23 -1.80
C ASN A 106 -2.50 -1.72 -1.69
N SER A 107 -3.06 -2.22 -2.78
CA SER A 107 -4.46 -2.67 -2.76
C SER A 107 -4.77 -3.59 -1.57
N GLY A 108 -5.94 -3.38 -0.97
CA GLY A 108 -6.33 -4.21 0.15
C GLY A 108 -7.75 -3.91 0.62
N MET A 109 -8.26 -4.79 1.47
CA MET A 109 -9.59 -4.63 2.07
C MET A 109 -9.56 -4.96 3.57
N GLU A 110 -10.42 -4.25 4.30
CA GLU A 110 -10.60 -4.52 5.73
C GLU A 110 -11.67 -5.61 5.75
N VAL A 111 -11.81 -6.28 6.88
CA VAL A 111 -12.82 -7.33 7.01
C VAL A 111 -13.00 -7.68 8.49
N TRP A 112 -14.26 -7.68 8.94
CA TRP A 112 -14.61 -8.03 10.31
C TRP A 112 -15.65 -9.12 10.24
N CYS A 113 -15.44 -10.16 11.02
CA CYS A 113 -16.38 -11.28 11.02
C CYS A 113 -16.17 -12.20 12.22
N ASP A 114 -17.29 -12.62 12.80
CA ASP A 114 -17.29 -13.58 13.90
C ASP A 114 -16.56 -14.77 13.27
N GLU A 115 -15.51 -15.27 13.91
CA GLU A 115 -14.78 -16.39 13.29
C GLU A 115 -15.65 -17.60 12.95
N LEU A 116 -16.70 -17.83 13.76
CA LEU A 116 -17.61 -18.96 13.52
C LEU A 116 -18.37 -18.82 12.24
N GLU A 117 -18.55 -17.58 11.81
CA GLU A 117 -19.32 -17.26 10.60
C GLU A 117 -18.50 -17.15 9.31
N VAL A 118 -17.19 -17.20 9.43
CA VAL A 118 -16.33 -17.13 8.26
C VAL A 118 -16.53 -18.37 7.38
N THR A 119 -16.76 -18.13 6.10
CA THR A 119 -16.93 -19.17 5.12
C THR A 119 -15.65 -19.26 4.27
N GLN A 120 -15.51 -20.34 3.52
CA GLN A 120 -14.35 -20.47 2.66
C GLN A 120 -14.36 -19.32 1.65
N GLU A 121 -15.56 -18.96 1.19
CA GLU A 121 -15.68 -17.89 0.21
C GLU A 121 -15.13 -16.56 0.75
N LEU A 122 -15.48 -16.20 1.98
CA LEU A 122 -14.99 -14.96 2.57
C LEU A 122 -13.46 -15.06 2.74
N PHE A 123 -13.00 -16.20 3.25
CA PHE A 123 -11.57 -16.41 3.47
C PHE A 123 -10.80 -16.17 2.17
N ASP A 124 -11.24 -16.84 1.12
CA ASP A 124 -10.62 -16.76 -0.18
C ASP A 124 -10.63 -15.35 -0.73
N LYS A 125 -11.76 -14.66 -0.55
CA LYS A 125 -11.86 -13.28 -1.04
C LYS A 125 -10.81 -12.39 -0.39
N VAL A 126 -10.66 -12.53 0.92
CA VAL A 126 -9.70 -11.71 1.66
C VAL A 126 -8.25 -12.04 1.32
N PHE A 127 -7.91 -13.32 1.35
CA PHE A 127 -6.55 -13.70 1.04
C PHE A 127 -6.21 -13.49 -0.42
N ASN A 128 -7.18 -13.63 -1.32
CA ASN A 128 -6.87 -13.44 -2.73
C ASN A 128 -6.35 -12.03 -3.00
N LEU A 129 -6.95 -11.05 -2.35
CA LEU A 129 -6.54 -9.65 -2.55
C LEU A 129 -5.38 -9.22 -1.68
N ASN A 130 -5.56 -9.38 -0.37
CA ASN A 130 -4.59 -8.94 0.63
C ASN A 130 -3.27 -9.68 0.67
N THR A 131 -3.29 -10.95 0.26
CA THR A 131 -2.10 -11.75 0.35
C THR A 131 -1.62 -12.25 -1.01
N ARG A 132 -2.43 -13.08 -1.68
CA ARG A 132 -2.03 -13.60 -2.98
C ARG A 132 -1.72 -12.47 -3.98
N GLY A 133 -2.55 -11.44 -3.97
CA GLY A 133 -2.34 -10.32 -4.86
C GLY A 133 -0.96 -9.72 -4.64
N GLN A 134 -0.58 -9.53 -3.38
CA GLN A 134 0.72 -8.96 -3.05
C GLN A 134 1.86 -9.89 -3.43
N PHE A 135 1.65 -11.20 -3.33
CA PHE A 135 2.68 -12.15 -3.74
C PHE A 135 2.96 -11.96 -5.24
N PHE A 136 1.91 -11.93 -6.05
CA PHE A 136 2.09 -11.77 -7.50
C PHE A 136 2.60 -10.42 -7.91
N VAL A 137 2.21 -9.37 -7.20
CA VAL A 137 2.75 -8.05 -7.50
C VAL A 137 4.28 -8.11 -7.20
N ALA A 138 4.66 -8.77 -6.11
CA ALA A 138 6.07 -8.89 -5.76
C ALA A 138 6.83 -9.74 -6.80
N GLN A 139 6.20 -10.82 -7.27
CA GLN A 139 6.80 -11.67 -8.28
C GLN A 139 7.06 -10.82 -9.53
N GLN A 140 6.06 -10.02 -9.91
CA GLN A 140 6.20 -9.17 -11.09
C GLN A 140 7.27 -8.10 -10.90
N GLY A 141 7.43 -7.64 -9.65
CA GLY A 141 8.48 -6.68 -9.38
C GLY A 141 9.83 -7.37 -9.56
N LEU A 142 9.98 -8.59 -9.08
CA LEU A 142 11.24 -9.33 -9.24
C LEU A 142 11.51 -9.51 -10.73
N LYS A 143 10.44 -9.78 -11.48
CA LYS A 143 10.56 -10.03 -12.91
C LYS A 143 10.96 -8.79 -13.70
N HIS A 144 10.46 -7.62 -13.31
CA HIS A 144 10.69 -6.37 -14.06
C HIS A 144 11.52 -5.24 -13.47
N CYS A 145 11.59 -5.11 -12.14
CA CYS A 145 12.31 -4.00 -11.54
C CYS A 145 13.76 -3.90 -11.97
N ARG A 146 14.15 -2.70 -12.36
CA ARG A 146 15.53 -2.45 -12.78
C ARG A 146 16.41 -2.33 -11.56
N ARG A 147 17.72 -2.45 -11.78
CA ARG A 147 18.70 -2.37 -10.71
C ARG A 147 18.54 -1.06 -9.95
N GLY A 148 18.62 -1.13 -8.63
CA GLY A 148 18.40 0.04 -7.79
C GLY A 148 16.91 0.22 -7.53
N GLY A 149 16.14 -0.77 -7.97
CA GLY A 149 14.68 -0.74 -7.82
C GLY A 149 14.24 -0.98 -6.39
N ARG A 150 12.91 -0.87 -6.18
CA ARG A 150 12.32 -1.04 -4.85
C ARG A 150 10.96 -1.69 -4.96
N ILE A 151 10.71 -2.66 -4.07
CA ILE A 151 9.39 -3.30 -4.00
C ILE A 151 8.98 -3.05 -2.55
N ILE A 152 7.77 -2.53 -2.36
CA ILE A 152 7.30 -2.25 -0.99
C ILE A 152 5.91 -2.85 -0.87
N LEU A 153 5.74 -3.76 0.09
CA LEU A 153 4.46 -4.41 0.35
C LEU A 153 3.72 -3.66 1.48
N THR A 154 2.42 -3.94 1.60
CA THR A 154 1.64 -3.26 2.63
C THR A 154 1.02 -4.24 3.62
N SER A 155 1.49 -4.14 4.85
CA SER A 155 0.93 -4.92 5.94
C SER A 155 0.01 -3.91 6.71
N SER A 156 0.08 -3.92 8.05
CA SER A 156 -0.71 -3.03 8.91
C SER A 156 -0.28 -3.31 10.32
N ILE A 157 -0.40 -2.33 11.22
CA ILE A 157 -0.05 -2.64 12.62
C ILE A 157 -1.07 -3.66 13.17
N ALA A 158 -2.22 -3.78 12.52
CA ALA A 158 -3.19 -4.77 12.96
C ALA A 158 -2.63 -6.19 12.84
N ALA A 159 -1.60 -6.41 12.01
CA ALA A 159 -1.03 -7.76 11.87
C ALA A 159 -0.39 -8.22 13.20
N VAL A 160 0.03 -7.27 14.02
CA VAL A 160 0.70 -7.59 15.28
C VAL A 160 -0.01 -7.08 16.52
N MET A 161 -1.16 -6.43 16.33
CA MET A 161 -1.88 -5.89 17.49
C MET A 161 -2.57 -6.97 18.29
N THR A 162 -2.83 -6.69 19.55
CA THR A 162 -3.53 -7.63 20.40
C THR A 162 -4.82 -6.94 20.83
N GLY A 163 -5.77 -7.71 21.34
CA GLY A 163 -7.01 -7.13 21.84
C GLY A 163 -8.09 -6.73 20.84
N ILE A 164 -7.91 -7.07 19.57
CA ILE A 164 -8.90 -6.73 18.55
C ILE A 164 -9.68 -8.00 18.21
N PRO A 165 -11.01 -7.97 18.35
CA PRO A 165 -11.87 -9.13 18.04
C PRO A 165 -12.38 -9.20 16.60
N ASN A 166 -12.82 -10.40 16.19
CA ASN A 166 -13.43 -10.66 14.88
C ASN A 166 -12.55 -10.18 13.70
N HIS A 167 -11.24 -10.32 13.86
CA HIS A 167 -10.33 -9.79 12.86
C HIS A 167 -9.25 -10.75 12.39
N ALA A 168 -9.46 -12.05 12.55
CA ALA A 168 -8.44 -13.01 12.16
C ALA A 168 -8.10 -13.02 10.68
N LEU A 169 -9.10 -12.79 9.80
CA LEU A 169 -8.79 -12.79 8.37
C LEU A 169 -7.89 -11.62 7.99
N TYR A 170 -8.18 -10.44 8.54
CA TYR A 170 -7.35 -9.28 8.23
C TYR A 170 -5.95 -9.41 8.84
N ALA A 171 -5.88 -9.74 10.13
CA ALA A 171 -4.59 -9.91 10.79
C ALA A 171 -3.73 -10.95 10.09
N GLY A 172 -4.31 -12.09 9.74
CA GLY A 172 -3.55 -13.17 9.10
C GLY A 172 -3.12 -12.82 7.68
N SER A 173 -3.99 -12.16 6.93
CA SER A 173 -3.67 -11.83 5.53
C SER A 173 -2.56 -10.77 5.48
N LYS A 174 -2.51 -9.89 6.46
CA LYS A 174 -1.45 -8.89 6.50
C LYS A 174 -0.14 -9.48 7.05
N ALA A 175 -0.23 -10.29 8.12
CA ALA A 175 0.99 -10.90 8.67
C ALA A 175 1.71 -11.72 7.59
N ALA A 176 0.95 -12.38 6.71
CA ALA A 176 1.56 -13.21 5.65
C ALA A 176 2.56 -12.42 4.79
N VAL A 177 2.19 -11.17 4.51
CA VAL A 177 2.98 -10.29 3.65
C VAL A 177 4.34 -9.94 4.26
N GLU A 178 4.40 -9.94 5.59
CA GLU A 178 5.64 -9.67 6.31
C GLU A 178 6.63 -10.83 6.04
N GLY A 179 6.10 -12.06 5.95
CA GLY A 179 6.92 -13.20 5.62
C GLY A 179 7.39 -13.07 4.17
N PHE A 180 6.50 -12.62 3.27
CA PHE A 180 6.88 -12.41 1.86
C PHE A 180 8.01 -11.40 1.76
N CYS A 181 7.94 -10.33 2.54
CA CYS A 181 8.97 -9.30 2.49
C CYS A 181 10.36 -9.84 2.77
N ARG A 182 10.52 -10.63 3.83
CA ARG A 182 11.84 -11.17 4.16
C ARG A 182 12.34 -12.11 3.08
N ALA A 183 11.43 -12.92 2.53
CA ALA A 183 11.76 -13.90 1.50
C ALA A 183 12.16 -13.23 0.19
N PHE A 184 11.31 -12.31 -0.27
CA PHE A 184 11.59 -11.60 -1.50
C PHE A 184 12.85 -10.75 -1.42
N ALA A 185 13.21 -10.24 -0.24
CA ALA A 185 14.43 -9.44 -0.16
C ALA A 185 15.63 -10.33 -0.57
N VAL A 186 15.62 -11.57 -0.12
CA VAL A 186 16.70 -12.48 -0.45
C VAL A 186 16.64 -12.79 -1.95
N ASP A 187 15.43 -13.03 -2.46
CA ASP A 187 15.23 -13.37 -3.87
C ASP A 187 15.50 -12.26 -4.89
N CYS A 188 15.42 -11.02 -4.45
CA CYS A 188 15.63 -9.87 -5.32
C CYS A 188 17.04 -9.31 -5.23
N GLY A 189 17.84 -9.82 -4.31
CA GLY A 189 19.19 -9.30 -4.11
C GLY A 189 20.08 -9.26 -5.34
N ALA A 190 20.15 -10.39 -6.05
CA ALA A 190 21.00 -10.47 -7.25
C ALA A 190 20.64 -9.38 -8.26
N LYS A 191 19.37 -9.01 -8.31
CA LYS A 191 18.92 -7.97 -9.24
C LYS A 191 19.12 -6.57 -8.69
N GLY A 192 19.57 -6.45 -7.45
CA GLY A 192 19.81 -5.14 -6.88
C GLY A 192 18.56 -4.34 -6.58
N VAL A 193 17.52 -5.06 -6.16
CA VAL A 193 16.22 -4.49 -5.83
C VAL A 193 15.95 -4.82 -4.35
N THR A 194 15.66 -3.81 -3.54
CA THR A 194 15.37 -4.06 -2.14
C THR A 194 13.88 -4.31 -1.99
N VAL A 195 13.51 -4.99 -0.90
CA VAL A 195 12.11 -5.30 -0.65
C VAL A 195 11.81 -5.01 0.81
N ASN A 196 10.86 -4.10 1.04
CA ASN A 196 10.46 -3.76 2.40
C ASN A 196 8.95 -3.81 2.49
N CYS A 197 8.47 -3.72 3.72
CA CYS A 197 7.05 -3.75 3.96
C CYS A 197 6.67 -2.64 4.93
N ILE A 198 5.65 -1.87 4.57
CA ILE A 198 5.17 -0.82 5.45
C ILE A 198 3.96 -1.33 6.23
N ALA A 199 3.87 -0.92 7.48
CA ALA A 199 2.77 -1.31 8.37
C ALA A 199 2.22 -0.01 8.99
N PRO A 200 1.26 0.62 8.29
CA PRO A 200 0.69 1.87 8.79
C PRO A 200 -0.25 1.71 9.98
N GLY A 201 -0.35 2.82 10.72
CA GLY A 201 -1.30 2.94 11.80
C GLY A 201 -2.49 3.57 11.05
N GLY A 202 -3.46 4.14 11.76
CA GLY A 202 -4.63 4.73 11.10
C GLY A 202 -4.26 5.86 10.15
N VAL A 203 -4.82 5.86 8.94
CA VAL A 203 -4.53 6.90 7.95
C VAL A 203 -5.89 7.31 7.36
N LYS A 204 -6.17 8.61 7.38
CA LYS A 204 -7.45 9.16 6.90
C LYS A 204 -7.73 8.80 5.45
N THR A 205 -8.69 7.89 5.27
CA THR A 205 -9.09 7.40 3.95
C THR A 205 -10.53 6.84 4.09
N ASP A 206 -11.07 6.31 3.00
CA ASP A 206 -12.41 5.69 3.05
C ASP A 206 -12.36 4.47 4.00
N MET A 207 -11.31 3.67 3.90
CA MET A 207 -11.22 2.50 4.78
C MET A 207 -11.19 2.95 6.26
N PHE A 208 -10.47 4.02 6.53
CA PHE A 208 -10.36 4.55 7.90
C PHE A 208 -11.73 5.05 8.37
N ASP A 209 -12.44 5.75 7.50
CA ASP A 209 -13.73 6.27 7.91
C ASP A 209 -14.75 5.17 8.15
N GLU A 210 -14.58 4.03 7.51
CA GLU A 210 -15.50 2.93 7.69
C GLU A 210 -15.12 2.01 8.85
N ASN A 211 -13.82 1.95 9.14
CA ASN A 211 -13.33 1.01 10.14
C ASN A 211 -12.63 1.54 11.40
N SER A 212 -12.33 2.83 11.47
CA SER A 212 -11.58 3.37 12.59
C SER A 212 -12.17 3.21 13.99
N TRP A 213 -13.51 3.09 14.08
CA TRP A 213 -14.12 2.93 15.40
C TRP A 213 -13.60 1.70 16.13
N HIS A 214 -13.27 0.65 15.36
CA HIS A 214 -12.75 -0.60 15.92
C HIS A 214 -11.40 -0.42 16.63
N TYR A 215 -10.71 0.64 16.27
CA TYR A 215 -9.37 0.93 16.81
C TYR A 215 -9.32 2.06 17.84
N ALA A 216 -10.37 2.88 17.87
CA ALA A 216 -10.41 3.99 18.80
C ALA A 216 -10.61 3.52 20.24
N PRO A 217 -9.89 4.12 21.19
CA PRO A 217 -10.04 3.72 22.59
C PRO A 217 -11.47 3.99 22.98
N GLY A 218 -12.13 2.96 23.49
CA GLY A 218 -13.52 3.12 23.88
C GLY A 218 -14.45 3.24 22.70
N GLY A 219 -13.97 2.82 21.54
CA GLY A 219 -14.77 2.90 20.33
C GLY A 219 -15.97 1.98 20.29
N TYR A 220 -17.00 2.40 19.58
CA TYR A 220 -18.21 1.60 19.42
C TYR A 220 -18.72 1.94 18.04
N LYS A 221 -19.52 1.03 17.48
CA LYS A 221 -20.09 1.25 16.17
C LYS A 221 -21.10 2.40 16.32
N GLY A 222 -20.93 3.44 15.49
CA GLY A 222 -21.82 4.59 15.57
C GLY A 222 -21.19 5.82 16.22
N MET A 223 -19.96 5.64 16.76
CA MET A 223 -19.24 6.77 17.34
C MET A 223 -18.96 7.83 16.29
N PRO A 224 -19.27 9.08 16.51
CA PRO A 224 -19.04 10.15 15.53
C PRO A 224 -17.60 10.13 15.05
N GLN A 225 -17.39 10.30 13.74
CA GLN A 225 -16.03 10.29 13.19
C GLN A 225 -15.12 11.35 13.79
N GLU A 226 -15.65 12.52 14.13
CA GLU A 226 -14.81 13.55 14.74
C GLU A 226 -14.30 13.09 16.11
N LYS A 227 -15.12 12.35 16.85
CA LYS A 227 -14.70 11.87 18.17
C LYS A 227 -13.64 10.80 17.98
N ILE A 228 -13.81 9.99 16.93
CA ILE A 228 -12.83 8.92 16.64
C ILE A 228 -11.50 9.61 16.35
N ASP A 229 -11.53 10.56 15.40
CA ASP A 229 -10.34 11.28 15.00
C ASP A 229 -9.63 11.90 16.19
N GLU A 230 -10.41 12.46 17.11
CA GLU A 230 -9.84 13.11 18.29
C GLU A 230 -9.22 12.12 19.27
N GLY A 231 -9.86 10.96 19.41
CA GLY A 231 -9.37 9.93 20.30
C GLY A 231 -8.09 9.34 19.74
N LEU A 232 -8.05 9.10 18.44
CA LEU A 232 -6.84 8.54 17.82
C LEU A 232 -5.68 9.56 17.85
N ALA A 233 -5.95 10.79 17.47
CA ALA A 233 -4.93 11.83 17.51
C ALA A 233 -4.36 11.99 18.91
N ASN A 234 -5.22 11.92 19.95
CA ASN A 234 -4.72 12.06 21.31
C ASN A 234 -3.79 10.93 21.70
N MET A 235 -3.91 9.78 21.05
CA MET A 235 -3.02 8.65 21.32
C MET A 235 -1.73 8.69 20.48
N ASN A 236 -1.53 9.77 19.74
CA ASN A 236 -0.37 9.95 18.87
C ASN A 236 0.59 10.97 19.45
N PRO A 237 1.88 10.63 19.55
CA PRO A 237 2.86 11.58 20.11
C PRO A 237 2.83 12.92 19.35
N LEU A 238 2.59 12.84 18.04
CA LEU A 238 2.53 14.03 17.18
C LEU A 238 1.16 14.73 17.23
N LYS A 239 0.27 14.22 18.06
CA LYS A 239 -1.04 14.79 18.29
C LYS A 239 -1.91 15.06 17.07
N ARG A 240 -1.86 14.13 16.13
CA ARG A 240 -2.64 14.23 14.93
C ARG A 240 -2.70 12.83 14.33
N ILE A 241 -3.68 12.65 13.47
CA ILE A 241 -3.92 11.43 12.73
C ILE A 241 -3.02 11.48 11.46
N GLY A 242 -2.69 10.30 10.91
CA GLY A 242 -1.91 10.27 9.68
C GLY A 242 -2.81 10.46 8.46
N TYR A 243 -2.22 10.94 7.37
CA TYR A 243 -2.94 11.14 6.12
C TYR A 243 -2.17 10.45 5.00
N PRO A 244 -2.82 10.22 3.85
CA PRO A 244 -2.13 9.56 2.72
C PRO A 244 -0.77 10.20 2.38
N ALA A 245 -0.67 11.52 2.48
CA ALA A 245 0.59 12.22 2.19
C ALA A 245 1.70 11.79 3.15
N ASP A 246 1.36 11.48 4.40
CA ASP A 246 2.40 11.05 5.34
C ASP A 246 3.00 9.72 4.90
N ILE A 247 2.14 8.82 4.42
CA ILE A 247 2.58 7.53 3.91
C ILE A 247 3.35 7.72 2.61
N GLY A 248 2.86 8.58 1.71
CA GLY A 248 3.54 8.81 0.44
C GLY A 248 4.93 9.42 0.64
N ARG A 249 5.08 10.33 1.62
CA ARG A 249 6.36 10.93 1.91
C ARG A 249 7.34 9.87 2.41
N ALA A 250 6.91 9.01 3.34
CA ALA A 250 7.80 7.97 3.87
C ALA A 250 8.21 6.98 2.77
N VAL A 251 7.25 6.56 1.95
CA VAL A 251 7.52 5.66 0.85
C VAL A 251 8.54 6.34 -0.11
N SER A 252 8.37 7.65 -0.34
CA SER A 252 9.30 8.42 -1.20
C SER A 252 10.70 8.30 -0.68
N ALA A 253 10.86 8.49 0.64
CA ALA A 253 12.19 8.37 1.25
C ALA A 253 12.75 6.95 1.08
N LEU A 254 11.90 5.92 1.22
CA LEU A 254 12.33 4.54 1.03
C LEU A 254 12.71 4.25 -0.42
N CYS A 255 12.13 5.01 -1.36
CA CYS A 255 12.45 4.85 -2.77
C CYS A 255 13.74 5.55 -3.19
N GLN A 256 14.27 6.42 -2.33
CA GLN A 256 15.52 7.08 -2.65
C GLN A 256 16.72 6.13 -2.62
N GLU A 257 17.78 6.49 -3.35
CA GLU A 257 19.02 5.70 -3.36
C GLU A 257 19.54 5.58 -1.93
N GLU A 258 19.36 6.63 -1.13
CA GLU A 258 19.81 6.66 0.26
C GLU A 258 19.29 5.52 1.15
N SER A 259 18.16 4.94 0.78
CA SER A 259 17.57 3.88 1.59
C SER A 259 18.05 2.49 1.23
N GLU A 260 19.05 2.40 0.35
CA GLU A 260 19.53 1.10 -0.12
C GLU A 260 19.85 0.08 0.94
N TRP A 261 20.41 0.51 2.09
CA TRP A 261 20.79 -0.44 3.13
C TRP A 261 19.63 -0.92 4.00
N ILE A 262 18.44 -0.36 3.78
CA ILE A 262 17.23 -0.81 4.49
C ILE A 262 16.63 -1.89 3.55
N ASN A 263 16.70 -3.14 3.96
CA ASN A 263 16.21 -4.20 3.08
C ASN A 263 15.68 -5.38 3.90
N GLY A 264 14.51 -5.89 3.48
CA GLY A 264 13.87 -7.02 4.15
C GLY A 264 13.23 -6.64 5.48
N GLN A 265 12.84 -5.38 5.61
CA GLN A 265 12.28 -4.89 6.86
C GLN A 265 10.81 -4.51 6.84
N VAL A 266 10.14 -4.73 7.98
CA VAL A 266 8.76 -4.33 8.14
C VAL A 266 8.86 -3.02 8.92
N ILE A 267 8.47 -1.91 8.31
CA ILE A 267 8.55 -0.63 8.97
C ILE A 267 7.15 -0.08 9.31
N LYS A 268 6.89 0.12 10.60
CA LYS A 268 5.61 0.66 11.05
C LYS A 268 5.60 2.16 10.75
N LEU A 269 4.52 2.63 10.12
CA LEU A 269 4.38 4.07 9.77
C LEU A 269 3.17 4.54 10.57
N THR A 270 3.46 5.03 11.77
CA THR A 270 2.40 5.38 12.72
C THR A 270 2.54 6.76 13.36
N GLY A 271 3.66 7.45 13.07
CA GLY A 271 3.92 8.70 13.75
C GLY A 271 4.13 8.43 15.25
N GLY A 272 4.22 7.14 15.61
CA GLY A 272 4.41 6.76 17.00
C GLY A 272 3.10 6.47 17.70
N GLY A 273 1.99 6.55 16.96
CA GLY A 273 0.67 6.30 17.51
C GLY A 273 0.04 4.95 17.16
N ILE A 274 -1.28 4.95 16.97
CA ILE A 274 -2.03 3.73 16.67
C ILE A 274 -2.86 3.77 15.38
#